data_6XSN
#
_entry.id   6XSN
#
_cell.length_a   106.565
_cell.length_b   106.565
_cell.length_c   128.926
_cell.angle_alpha   90.00
_cell.angle_beta   90.00
_cell.angle_gamma   90.00
#
_symmetry.space_group_name_H-M   'P 41 2 2'
#
loop_
_entity.id
_entity.type
_entity.pdbx_description
1 polymer VD20.5A4_heavy_chain
2 polymer VD20.5A4_light_chain
3 polymer 16055_V1V2-1FD6
4 non-polymer 'THIOCYANATE ION'
5 non-polymer 1,2-ETHANEDIOL
6 non-polymer 'SODIUM ION'
7 non-polymer 2-acetamido-2-deoxy-beta-D-glucopyranose
8 water water
#
loop_
_entity_poly.entity_id
_entity_poly.type
_entity_poly.pdbx_seq_one_letter_code
_entity_poly.pdbx_strand_id
1 'polypeptide(L)'
;QVQLQESGPGLVKPSETLSLTCAVSGASISSNYWSWIRQPPGKGLEWIGRIYDPTDSTDYNPSLESRATISKDTSKNHFS
LTLSSVTAADTAVYFCARGLWSGYFFWFDVWGPGVLVTVSSASTKGPSVFPLAPSSKSTSGGTAALGCLVKDYFPEPVTV
SWNSGALTSGVHTFPAVLQSSGLYSLSSVVTVPSSSLGTQTYICNVNHKPSNTKVDKRVEPKSC
;
H
2 'polypeptide(L)'
;DIQMTQSPSSLSASVGDSVTVTCRASQGIDKELSWYQQKPGKAPTLLIYAASSLQTGVSSRFSGSGSGTDYTLTISSLQP
EDVATYYCLQDYATPYSFGQGTKVEIKRTVAAPSVFIFPPSDEQLKSGTASVVCLLNNFYPREAKVQWKVDNALQSGNSQ
ESVTEQDSKDSTYSLSSTLTLSKADYEKHKVYACEVTHQGLSSPVTKSFNRGEC
;
L
3 'polypeptide(L)'
;MTTFKLAACVTLECRQVNTTNATSSVNVTNGEEIKNCSFNATTEIRDKKQKVYALFYRLDIVPLEEERKGNSSKYRLINC
QTTTTEAVDAATAAKVFKQYANDNGIDGEWTYDDATKTFTVT(UNK)GLEVLFQGPGHHHHHHHH
;
C
#
loop_
_chem_comp.id
_chem_comp.type
_chem_comp.name
_chem_comp.formula
EDO non-polymer 1,2-ETHANEDIOL 'C2 H6 O2'
NA non-polymer 'SODIUM ION' 'Na 1'
NAG D-saccharide, beta linking 2-acetamido-2-deoxy-beta-D-glucopyranose 'C8 H15 N O6'
SCN non-polymer 'THIOCYANATE ION' 'C N S -1'
#
# COMPACT_ATOMS: atom_id res chain seq x y z
N GLN A 1 -7.23 11.47 -16.02
CA GLN A 1 -6.35 11.77 -17.14
C GLN A 1 -4.98 12.21 -16.63
N VAL A 2 -4.97 12.90 -15.49
CA VAL A 2 -3.73 13.29 -14.84
C VAL A 2 -3.23 12.11 -14.02
N GLN A 3 -2.01 11.64 -14.31
CA GLN A 3 -1.48 10.47 -13.63
C GLN A 3 0.02 10.59 -13.47
N LEU A 4 0.54 9.83 -12.50
CA LEU A 4 1.94 9.84 -12.11
C LEU A 4 2.46 8.41 -12.03
N GLN A 5 3.74 8.24 -12.31
CA GLN A 5 4.37 6.92 -12.30
C GLN A 5 5.78 7.02 -11.76
N GLU A 6 6.02 6.35 -10.62
CA GLU A 6 7.38 6.22 -10.09
C GLU A 6 8.14 5.15 -10.84
N SER A 7 9.42 5.40 -11.09
CA SER A 7 10.29 4.46 -11.77
C SER A 7 11.66 4.47 -11.10
N GLY A 8 12.25 3.29 -10.96
CA GLY A 8 13.58 3.20 -10.38
C GLY A 8 13.88 1.83 -9.80
N PRO A 9 15.17 1.55 -9.62
CA PRO A 9 15.58 0.26 -9.07
C PRO A 9 14.94 -0.01 -7.71
N GLY A 10 14.35 -1.21 -7.59
CA GLY A 10 13.79 -1.64 -6.33
C GLY A 10 14.78 -2.22 -5.35
N LEU A 11 16.08 -2.13 -5.65
CA LEU A 11 17.11 -2.69 -4.79
C LEU A 11 18.29 -1.74 -4.73
N VAL A 12 18.67 -1.34 -3.52
CA VAL A 12 19.80 -0.46 -3.30
C VAL A 12 20.69 -1.08 -2.22
N LYS A 13 21.96 -1.25 -2.51
CA LYS A 13 22.89 -1.68 -1.49
C LYS A 13 23.01 -0.59 -0.43
N PRO A 14 23.18 -0.95 0.84
CA PRO A 14 23.23 0.07 1.90
C PRO A 14 24.48 0.92 1.76
N SER A 15 24.42 2.12 2.35
CA SER A 15 25.43 3.17 2.25
C SER A 15 25.49 3.79 0.86
N GLU A 16 24.63 3.39 -0.07
CA GLU A 16 24.61 3.91 -1.43
C GLU A 16 23.33 4.73 -1.64
N THR A 17 23.14 5.22 -2.85
CA THR A 17 22.15 6.26 -3.12
C THR A 17 20.95 5.69 -3.87
N LEU A 18 19.78 5.74 -3.24
CA LEU A 18 18.52 5.50 -3.92
C LEU A 18 18.27 6.59 -4.96
N SER A 19 17.76 6.19 -6.12
CA SER A 19 17.33 7.13 -7.14
C SER A 19 15.98 6.68 -7.68
N LEU A 20 15.02 7.59 -7.69
CA LEU A 20 13.73 7.34 -8.30
C LEU A 20 13.32 8.56 -9.10
N THR A 21 12.44 8.33 -10.07
CA THR A 21 11.85 9.40 -10.86
C THR A 21 10.36 9.16 -10.97
N CYS A 22 9.61 10.25 -10.98
CA CYS A 22 8.16 10.20 -11.16
C CYS A 22 7.81 10.87 -12.48
N ALA A 23 7.34 10.10 -13.44
CA ALA A 23 6.85 10.63 -14.70
C ALA A 23 5.43 11.13 -14.53
N VAL A 24 5.14 12.29 -15.10
CA VAL A 24 3.87 12.96 -14.90
C VAL A 24 3.18 13.17 -16.24
N SER A 25 1.87 12.89 -16.27
CA SER A 25 1.04 12.99 -17.45
C SER A 25 -0.23 13.76 -17.13
N GLY A 26 -0.75 14.47 -18.13
CA GLY A 26 -1.99 15.21 -17.97
C GLY A 26 -1.90 16.46 -17.13
N ALA A 27 -0.69 16.89 -16.75
CA ALA A 27 -0.47 18.11 -16.01
C ALA A 27 0.97 18.55 -16.21
N SER A 28 1.22 19.83 -15.99
CA SER A 28 2.56 20.38 -16.16
C SER A 28 3.18 20.63 -14.79
N ILE A 29 4.41 20.15 -14.62
CA ILE A 29 5.17 20.30 -13.39
C ILE A 29 5.39 21.77 -13.02
N SER A 30 5.05 22.69 -13.91
CA SER A 30 5.37 24.10 -13.75
C SER A 30 4.43 24.87 -12.83
N SER A 31 3.36 24.27 -12.31
CA SER A 31 2.31 25.07 -11.68
C SER A 31 1.80 24.59 -10.32
N ASN A 32 2.23 23.44 -9.81
CA ASN A 32 1.77 23.02 -8.50
C ASN A 32 2.96 22.39 -7.76
N TYR A 33 2.68 21.84 -6.58
CA TYR A 33 3.69 21.21 -5.75
C TYR A 33 3.83 19.74 -6.12
N TRP A 34 5.07 19.28 -6.21
CA TRP A 34 5.37 17.89 -6.57
C TRP A 34 6.28 17.31 -5.50
N SER A 35 5.78 16.31 -4.79
CA SER A 35 6.44 15.83 -3.59
C SER A 35 6.59 14.31 -3.63
N TRP A 36 7.43 13.82 -2.73
CA TRP A 36 7.66 12.40 -2.54
C TRP A 36 7.20 12.02 -1.13
N ILE A 37 6.54 10.88 -1.03
CA ILE A 37 6.07 10.35 0.25
C ILE A 37 6.39 8.87 0.28
N ARG A 38 6.88 8.38 1.42
CA ARG A 38 7.26 6.98 1.52
C ARG A 38 6.52 6.33 2.69
N GLN A 39 6.56 5.00 2.69
CA GLN A 39 5.77 4.19 3.61
C GLN A 39 6.49 2.87 3.80
N PRO A 40 7.20 2.70 4.92
CA PRO A 40 7.86 1.43 5.18
C PRO A 40 6.82 0.31 5.29
N PRO A 41 7.21 -0.92 4.96
CA PRO A 41 6.24 -2.03 4.95
C PRO A 41 5.46 -2.13 6.25
N GLY A 42 4.13 -2.18 6.11
CA GLY A 42 3.27 -2.32 7.27
C GLY A 42 3.37 -1.19 8.27
N LYS A 43 3.70 0.01 7.82
CA LYS A 43 3.78 1.19 8.68
C LYS A 43 3.24 2.39 7.91
N GLY A 44 3.30 3.56 8.55
CA GLY A 44 2.60 4.74 8.09
C GLY A 44 3.35 5.57 7.06
N LEU A 45 2.84 6.79 6.86
CA LEU A 45 3.27 7.67 5.78
C LEU A 45 4.22 8.73 6.31
N GLU A 46 5.33 8.94 5.61
CA GLU A 46 6.31 9.97 5.94
C GLU A 46 6.50 10.87 4.72
N TRP A 47 6.21 12.16 4.89
CA TRP A 47 6.47 13.13 3.83
C TRP A 47 7.97 13.36 3.70
N ILE A 48 8.48 13.24 2.49
CA ILE A 48 9.91 13.41 2.24
C ILE A 48 10.26 14.86 1.92
N GLY A 49 9.53 15.45 1.00
CA GLY A 49 9.81 16.79 0.55
C GLY A 49 9.08 17.09 -0.74
N ARG A 50 8.96 18.38 -1.04
CA ARG A 50 8.25 18.85 -2.22
C ARG A 50 9.12 19.82 -3.00
N ILE A 51 8.71 20.08 -4.25
CA ILE A 51 9.37 21.05 -5.11
C ILE A 51 8.30 21.84 -5.85
N TYR A 52 8.61 23.10 -6.14
CA TYR A 52 7.63 24.06 -6.65
C TYR A 52 8.35 25.04 -7.55
N ASP A 53 7.79 25.29 -8.74
CA ASP A 53 8.51 26.08 -9.72
C ASP A 53 8.14 27.57 -9.79
N PRO A 54 6.90 27.98 -9.50
CA PRO A 54 6.61 29.43 -9.51
C PRO A 54 7.57 30.26 -8.67
N THR A 55 7.96 29.79 -7.49
CA THR A 55 8.94 30.47 -6.66
C THR A 55 10.24 29.68 -6.54
N ASP A 56 10.39 28.60 -7.30
CA ASP A 56 11.65 27.84 -7.38
C ASP A 56 12.06 27.33 -6.00
N SER A 57 11.14 26.64 -5.33
CA SER A 57 11.28 26.32 -3.92
C SER A 57 11.22 24.81 -3.70
N THR A 58 12.15 24.31 -2.88
CA THR A 58 12.11 22.94 -2.39
C THR A 58 12.11 22.96 -0.86
N ASP A 59 11.30 22.08 -0.28
CA ASP A 59 11.30 21.85 1.16
C ASP A 59 11.65 20.39 1.41
N TYR A 60 12.34 20.13 2.52
CA TYR A 60 12.74 18.79 2.89
C TYR A 60 12.35 18.50 4.33
N ASN A 61 11.87 17.29 4.57
CA ASN A 61 11.67 16.84 5.94
C ASN A 61 13.03 16.71 6.62
N PRO A 62 13.24 17.38 7.76
CA PRO A 62 14.53 17.23 8.47
C PRO A 62 14.85 15.79 8.86
N SER A 63 13.85 14.90 8.90
CA SER A 63 14.11 13.50 9.26
C SER A 63 15.06 12.82 8.28
N LEU A 64 15.11 13.28 7.03
CA LEU A 64 16.04 12.73 6.05
C LEU A 64 17.46 13.21 6.26
N GLU A 65 17.67 14.22 7.10
CA GLU A 65 19.01 14.69 7.49
C GLU A 65 19.83 15.16 6.30
N SER A 66 19.18 15.82 5.34
CA SER A 66 19.82 16.40 4.15
C SER A 66 20.34 15.34 3.18
N ARG A 67 19.91 14.08 3.34
CA ARG A 67 20.24 13.03 2.37
C ARG A 67 19.34 13.06 1.14
N ALA A 68 18.25 13.81 1.18
CA ALA A 68 17.27 13.83 0.10
C ALA A 68 17.52 15.01 -0.83
N THR A 69 17.34 14.76 -2.13
CA THR A 69 17.43 15.80 -3.14
C THR A 69 16.28 15.57 -4.13
N ILE A 70 15.61 16.66 -4.52
CA ILE A 70 14.48 16.58 -5.43
C ILE A 70 14.77 17.47 -6.63
N SER A 71 14.84 16.84 -7.81
CA SER A 71 15.16 17.53 -9.05
C SER A 71 13.93 17.63 -9.94
N LYS A 72 13.81 18.75 -10.63
CA LYS A 72 12.75 18.95 -11.59
C LYS A 72 13.33 19.02 -13.00
N ASP A 73 12.60 18.44 -13.95
CA ASP A 73 13.00 18.47 -15.36
C ASP A 73 11.77 18.91 -16.14
N THR A 74 11.61 20.22 -16.31
CA THR A 74 10.52 20.76 -17.11
C THR A 74 10.59 20.26 -18.55
N SER A 75 11.77 19.88 -19.02
CA SER A 75 11.92 19.45 -20.41
C SER A 75 11.04 18.23 -20.68
N LYS A 76 11.25 17.15 -19.93
CA LYS A 76 10.52 15.90 -20.12
C LYS A 76 9.30 15.78 -19.22
N ASN A 77 9.03 16.77 -18.38
CA ASN A 77 7.90 16.75 -17.45
C ASN A 77 7.95 15.53 -16.52
N HIS A 78 9.11 15.31 -15.92
CA HIS A 78 9.22 14.38 -14.82
C HIS A 78 10.19 14.93 -13.78
N PHE A 79 9.90 14.66 -12.50
CA PHE A 79 10.75 15.09 -11.40
C PHE A 79 11.24 13.87 -10.64
N SER A 80 12.44 13.98 -10.07
CA SER A 80 13.14 12.85 -9.49
C SER A 80 13.49 13.10 -8.03
N LEU A 81 13.83 12.00 -7.35
CA LEU A 81 14.35 12.04 -6.00
C LEU A 81 15.62 11.19 -5.92
N THR A 82 16.58 11.66 -5.11
CA THR A 82 17.73 10.85 -4.72
C THR A 82 17.84 10.87 -3.20
N LEU A 83 18.21 9.73 -2.63
CA LEU A 83 18.40 9.59 -1.19
C LEU A 83 19.73 8.88 -0.98
N SER A 84 20.69 9.58 -0.37
CA SER A 84 22.04 9.07 -0.21
C SER A 84 22.21 8.32 1.11
N SER A 85 23.32 7.59 1.20
CA SER A 85 23.74 6.90 2.42
C SER A 85 22.59 6.10 3.04
N VAL A 86 21.87 5.38 2.17
CA VAL A 86 20.65 4.72 2.63
C VAL A 86 20.98 3.63 3.64
N THR A 87 20.06 3.42 4.56
CA THR A 87 20.06 2.30 5.49
C THR A 87 18.72 1.57 5.35
N ALA A 88 18.55 0.50 6.12
CA ALA A 88 17.30 -0.25 6.07
C ALA A 88 16.09 0.60 6.46
N ALA A 89 16.32 1.67 7.22
CA ALA A 89 15.24 2.60 7.53
C ALA A 89 14.67 3.26 6.27
N ASP A 90 15.40 3.20 5.17
CA ASP A 90 14.94 3.78 3.91
C ASP A 90 14.24 2.76 3.02
N THR A 91 14.21 1.49 3.43
CA THR A 91 13.35 0.51 2.80
C THR A 91 11.90 0.90 2.98
N ALA A 92 11.21 1.18 1.88
CA ALA A 92 9.83 1.64 1.91
C ALA A 92 9.28 1.65 0.50
N VAL A 93 7.97 1.83 0.39
CA VAL A 93 7.33 2.13 -0.88
C VAL A 93 7.32 3.64 -1.05
N TYR A 94 7.85 4.12 -2.16
CA TYR A 94 8.01 5.54 -2.40
C TYR A 94 6.93 6.04 -3.35
N PHE A 95 6.10 6.94 -2.85
CA PHE A 95 5.06 7.58 -3.65
C PHE A 95 5.51 8.97 -4.06
N CYS A 96 5.31 9.28 -5.33
CA CYS A 96 5.26 10.66 -5.80
C CYS A 96 3.80 11.09 -5.84
N ALA A 97 3.58 12.38 -5.60
CA ALA A 97 2.23 12.89 -5.51
C ALA A 97 2.21 14.36 -5.87
N ARG A 98 1.14 14.80 -6.52
CA ARG A 98 0.94 16.21 -6.82
C ARG A 98 0.22 16.89 -5.67
N GLY A 99 0.73 18.05 -5.25
CA GLY A 99 0.13 18.79 -4.17
C GLY A 99 -0.53 20.07 -4.63
N LEU A 100 -1.85 20.16 -4.46
CA LEU A 100 -2.56 21.38 -4.77
C LEU A 100 -2.55 22.32 -3.56
N TRP A 101 -2.92 23.58 -3.81
CA TRP A 101 -2.92 24.55 -2.73
C TRP A 101 -3.89 25.68 -3.02
N SER A 102 -4.38 26.30 -1.95
CA SER A 102 -5.24 27.48 -2.04
C SER A 102 -5.15 28.20 -0.70
N GLY A 103 -4.66 29.44 -0.73
CA GLY A 103 -4.48 30.18 0.52
C GLY A 103 -3.43 29.52 1.38
N TYR A 104 -3.76 29.28 2.64
CA TYR A 104 -2.91 28.52 3.54
C TYR A 104 -3.07 27.01 3.38
N PHE A 105 -3.90 26.55 2.45
CA PHE A 105 -4.32 25.16 2.42
C PHE A 105 -3.54 24.37 1.38
N PHE A 106 -3.35 23.09 1.66
CA PHE A 106 -2.48 22.22 0.88
C PHE A 106 -2.96 20.79 1.03
N TRP A 107 -2.79 20.00 -0.03
CA TRP A 107 -3.20 18.59 -0.02
C TRP A 107 -2.65 17.89 -1.25
N PHE A 108 -2.53 16.57 -1.15
CA PHE A 108 -2.09 15.71 -2.25
C PHE A 108 -3.33 15.16 -2.94
N ASP A 109 -3.65 15.68 -4.11
CA ASP A 109 -4.90 15.29 -4.76
C ASP A 109 -4.75 14.06 -5.66
N VAL A 110 -3.57 13.79 -6.20
CA VAL A 110 -3.32 12.59 -7.00
C VAL A 110 -1.96 12.01 -6.64
N TRP A 111 -1.91 10.68 -6.52
CA TRP A 111 -0.70 9.96 -6.13
C TRP A 111 -0.30 8.98 -7.23
N GLY A 112 1.00 8.69 -7.30
CA GLY A 112 1.47 7.62 -8.14
C GLY A 112 1.12 6.28 -7.54
N PRO A 113 1.33 5.20 -8.28
CA PRO A 113 1.08 3.88 -7.70
C PRO A 113 2.08 3.52 -6.61
N GLY A 114 3.31 3.99 -6.70
CA GLY A 114 4.31 3.71 -5.70
C GLY A 114 5.22 2.56 -6.11
N VAL A 115 6.49 2.67 -5.73
CA VAL A 115 7.49 1.64 -6.02
C VAL A 115 8.19 1.28 -4.72
N LEU A 116 8.33 -0.03 -4.47
CA LEU A 116 9.05 -0.49 -3.29
C LEU A 116 10.55 -0.50 -3.59
N VAL A 117 11.33 -0.02 -2.62
CA VAL A 117 12.79 -0.01 -2.71
C VAL A 117 13.32 -0.72 -1.49
N THR A 118 13.85 -1.93 -1.68
CA THR A 118 14.49 -2.68 -0.61
C THR A 118 15.95 -2.27 -0.51
N VAL A 119 16.38 -1.88 0.69
CA VAL A 119 17.77 -1.57 0.96
C VAL A 119 18.40 -2.82 1.55
N SER A 120 19.28 -3.47 0.78
CA SER A 120 19.88 -4.72 1.23
C SER A 120 21.16 -4.99 0.46
N SER A 121 22.08 -5.69 1.13
CA SER A 121 23.31 -6.11 0.49
C SER A 121 23.09 -7.22 -0.51
N ALA A 122 22.06 -8.04 -0.29
CA ALA A 122 21.87 -9.27 -1.04
C ALA A 122 21.71 -8.98 -2.52
N SER A 123 21.90 -10.01 -3.33
CA SER A 123 21.70 -9.95 -4.77
C SER A 123 20.33 -10.52 -5.13
N THR A 124 19.82 -10.09 -6.28
CA THR A 124 18.48 -10.51 -6.70
C THR A 124 18.48 -11.98 -7.08
N LYS A 125 17.34 -12.62 -6.86
CA LYS A 125 17.08 -13.98 -7.33
C LYS A 125 15.67 -14.04 -7.89
N GLY A 126 15.52 -14.70 -9.03
CA GLY A 126 14.22 -14.88 -9.64
C GLY A 126 13.51 -16.11 -9.12
N PRO A 127 12.19 -16.07 -9.12
CA PRO A 127 11.43 -17.18 -8.56
C PRO A 127 11.37 -18.37 -9.51
N SER A 128 10.90 -19.48 -8.95
CA SER A 128 10.44 -20.64 -9.71
C SER A 128 8.95 -20.79 -9.44
N VAL A 129 8.17 -20.98 -10.49
CA VAL A 129 6.71 -21.04 -10.36
C VAL A 129 6.25 -22.45 -10.73
N PHE A 130 5.66 -23.15 -9.76
CA PHE A 130 5.09 -24.48 -9.84
C PHE A 130 3.58 -24.39 -9.69
N PRO A 131 2.83 -25.27 -10.36
CA PRO A 131 1.37 -25.18 -10.30
C PRO A 131 0.80 -25.82 -9.04
N LEU A 132 -0.40 -25.37 -8.70
CA LEU A 132 -1.26 -26.02 -7.72
C LEU A 132 -2.51 -26.44 -8.50
N ALA A 133 -2.48 -27.65 -9.04
CA ALA A 133 -3.53 -28.14 -9.92
C ALA A 133 -4.73 -28.63 -9.11
N PRO A 134 -5.95 -28.56 -9.68
CA PRO A 134 -7.16 -29.00 -8.99
C PRO A 134 -7.38 -30.52 -9.04
N GLY A 142 -20.07 -27.86 -9.29
CA GLY A 142 -19.08 -27.76 -8.24
C GLY A 142 -18.11 -26.60 -8.41
N THR A 143 -17.40 -26.28 -7.33
CA THR A 143 -16.39 -25.23 -7.32
C THR A 143 -15.02 -25.86 -7.10
N ALA A 144 -14.05 -25.46 -7.91
CA ALA A 144 -12.71 -26.01 -7.85
C ALA A 144 -11.69 -24.90 -7.75
N ALA A 145 -10.63 -25.14 -6.97
CA ALA A 145 -9.54 -24.19 -6.80
C ALA A 145 -8.30 -24.68 -7.51
N LEU A 146 -7.55 -23.73 -8.08
CA LEU A 146 -6.23 -23.98 -8.62
C LEU A 146 -5.39 -22.74 -8.37
N GLY A 147 -4.08 -22.90 -8.52
CA GLY A 147 -3.20 -21.78 -8.23
C GLY A 147 -1.80 -21.99 -8.73
N CYS A 148 -0.96 -20.97 -8.49
CA CYS A 148 0.43 -20.95 -8.91
C CYS A 148 1.30 -20.60 -7.71
N LEU A 149 2.23 -21.48 -7.36
CA LEU A 149 3.13 -21.26 -6.25
C LEU A 149 4.43 -20.62 -6.77
N VAL A 150 4.73 -19.42 -6.28
CA VAL A 150 5.88 -18.65 -6.71
C VAL A 150 6.88 -18.67 -5.56
N LYS A 151 7.91 -19.52 -5.67
CA LYS A 151 8.79 -19.83 -4.55
C LYS A 151 10.22 -19.36 -4.80
N ASP A 152 10.85 -18.89 -3.71
CA ASP A 152 12.29 -18.65 -3.63
C ASP A 152 12.76 -17.53 -4.54
N TYR A 153 12.40 -16.29 -4.21
CA TYR A 153 12.83 -15.12 -4.96
C TYR A 153 13.22 -14.02 -3.99
N PHE A 154 14.03 -13.07 -4.49
CA PHE A 154 14.42 -11.90 -3.72
C PHE A 154 14.87 -10.81 -4.67
N PRO A 155 14.51 -9.54 -4.41
CA PRO A 155 13.64 -9.11 -3.31
C PRO A 155 12.20 -8.97 -3.75
N GLU A 156 11.35 -8.46 -2.86
CA GLU A 156 9.99 -8.10 -3.24
C GLU A 156 10.04 -6.96 -4.27
N PRO A 157 9.01 -6.84 -5.12
CA PRO A 157 7.76 -7.62 -5.17
C PRO A 157 7.65 -8.60 -6.33
N VAL A 158 6.59 -9.40 -6.30
CA VAL A 158 6.20 -10.25 -7.42
C VAL A 158 4.75 -9.93 -7.76
N THR A 159 4.46 -9.77 -9.04
CA THR A 159 3.11 -9.51 -9.51
C THR A 159 2.62 -10.72 -10.31
N VAL A 160 1.42 -11.18 -9.98
CA VAL A 160 0.82 -12.36 -10.62
C VAL A 160 -0.54 -11.98 -11.19
N SER A 161 -0.78 -12.33 -12.44
CA SER A 161 -2.08 -12.20 -13.06
C SER A 161 -2.47 -13.52 -13.71
N TRP A 162 -3.76 -13.68 -13.97
CA TRP A 162 -4.29 -14.88 -14.61
C TRP A 162 -4.90 -14.52 -15.94
N ASN A 163 -4.52 -15.26 -16.99
CA ASN A 163 -5.00 -15.03 -18.34
C ASN A 163 -4.76 -13.58 -18.77
N SER A 164 -3.57 -13.07 -18.42
CA SER A 164 -3.14 -11.73 -18.82
C SER A 164 -4.13 -10.63 -18.44
N GLY A 165 -4.89 -10.83 -17.36
CA GLY A 165 -5.88 -9.89 -16.91
C GLY A 165 -7.31 -10.31 -17.15
N ALA A 166 -7.54 -11.28 -18.03
CA ALA A 166 -8.90 -11.69 -18.36
C ALA A 166 -9.62 -12.39 -17.21
N LEU A 167 -8.89 -12.81 -16.18
CA LEU A 167 -9.45 -13.54 -15.04
C LEU A 167 -9.10 -12.77 -13.77
N THR A 168 -10.09 -12.13 -13.17
CA THR A 168 -9.84 -11.38 -11.94
C THR A 168 -10.76 -11.78 -10.79
N SER A 169 -12.02 -12.06 -11.07
CA SER A 169 -12.98 -12.41 -10.03
C SER A 169 -12.63 -13.78 -9.45
N GLY A 170 -12.25 -13.80 -8.17
CA GLY A 170 -11.97 -15.04 -7.47
C GLY A 170 -10.51 -15.35 -7.22
N VAL A 171 -9.60 -14.45 -7.57
CA VAL A 171 -8.17 -14.67 -7.38
C VAL A 171 -7.75 -14.09 -6.03
N HIS A 172 -6.91 -14.83 -5.31
CA HIS A 172 -6.30 -14.36 -4.06
C HIS A 172 -4.80 -14.56 -4.18
N THR A 173 -4.09 -13.52 -4.64
CA THR A 173 -2.64 -13.52 -4.61
C THR A 173 -2.20 -13.18 -3.18
N PHE A 174 -1.59 -14.15 -2.50
CA PHE A 174 -1.33 -13.98 -1.09
C PHE A 174 -0.13 -13.08 -0.86
N PRO A 175 -0.10 -12.36 0.27
CA PRO A 175 1.10 -11.62 0.64
C PRO A 175 2.29 -12.56 0.80
N ALA A 176 3.45 -12.10 0.35
CA ALA A 176 4.64 -12.95 0.35
C ALA A 176 5.08 -13.27 1.78
N VAL A 177 5.69 -14.44 1.94
CA VAL A 177 6.23 -14.90 3.21
C VAL A 177 7.73 -15.07 3.03
N LEU A 178 8.49 -14.72 4.07
CA LEU A 178 9.95 -14.80 4.00
C LEU A 178 10.40 -16.04 4.75
N GLN A 179 11.14 -16.89 4.05
CA GLN A 179 11.56 -18.19 4.57
C GLN A 179 12.89 -18.05 5.32
N SER A 180 13.24 -19.13 6.04
CA SER A 180 14.50 -19.17 6.79
C SER A 180 15.72 -18.96 5.89
N SER A 181 15.56 -19.04 4.58
CA SER A 181 16.63 -18.80 3.63
C SER A 181 16.79 -17.32 3.28
N GLY A 182 15.93 -16.46 3.81
CA GLY A 182 15.90 -15.09 3.36
C GLY A 182 15.34 -14.89 1.97
N LEU A 183 14.75 -15.93 1.40
CA LEU A 183 14.07 -15.84 0.11
C LEU A 183 12.57 -15.78 0.33
N TYR A 184 11.91 -14.95 -0.47
CA TYR A 184 10.46 -14.80 -0.38
C TYR A 184 9.77 -15.90 -1.18
N SER A 185 8.51 -16.15 -0.83
CA SER A 185 7.68 -17.12 -1.53
C SER A 185 6.22 -16.76 -1.27
N LEU A 186 5.36 -17.16 -2.20
CA LEU A 186 3.95 -16.84 -2.13
C LEU A 186 3.18 -17.77 -3.06
N SER A 187 1.86 -17.72 -2.97
CA SER A 187 0.98 -18.44 -3.87
C SER A 187 -0.12 -17.52 -4.38
N SER A 188 -0.54 -17.75 -5.61
CA SER A 188 -1.70 -17.10 -6.21
C SER A 188 -2.70 -18.18 -6.58
N VAL A 189 -3.91 -18.10 -6.03
CA VAL A 189 -4.93 -19.11 -6.26
C VAL A 189 -6.17 -18.44 -6.84
N VAL A 190 -7.10 -19.27 -7.30
CA VAL A 190 -8.37 -18.80 -7.86
C VAL A 190 -9.35 -19.96 -7.82
N THR A 191 -10.61 -19.66 -7.49
CA THR A 191 -11.68 -20.65 -7.53
C THR A 191 -12.43 -20.52 -8.85
N VAL A 192 -12.74 -21.66 -9.45
CA VAL A 192 -13.41 -21.69 -10.75
C VAL A 192 -14.45 -22.78 -10.75
N PRO A 193 -15.47 -22.65 -11.58
CA PRO A 193 -16.42 -23.75 -11.77
C PRO A 193 -15.72 -24.93 -12.41
N SER A 194 -15.92 -26.13 -11.84
CA SER A 194 -15.42 -27.34 -12.48
C SER A 194 -16.12 -27.62 -13.78
N SER A 195 -17.25 -26.96 -14.03
CA SER A 195 -17.74 -26.84 -15.40
C SER A 195 -16.60 -26.41 -16.32
N SER A 196 -15.81 -25.43 -15.87
CA SER A 196 -14.75 -24.84 -16.68
C SER A 196 -13.45 -25.63 -16.67
N LEU A 197 -13.32 -26.63 -15.78
CA LEU A 197 -12.04 -27.32 -15.62
C LEU A 197 -11.60 -27.99 -16.90
N GLY A 198 -12.53 -28.65 -17.59
CA GLY A 198 -12.19 -29.35 -18.82
C GLY A 198 -12.13 -28.46 -20.04
N THR A 199 -12.87 -27.35 -20.04
CA THR A 199 -12.90 -26.50 -21.22
C THR A 199 -11.78 -25.47 -21.21
N GLN A 200 -11.67 -24.68 -20.15
CA GLN A 200 -10.86 -23.48 -20.16
C GLN A 200 -9.43 -23.74 -19.73
N THR A 201 -8.49 -23.11 -20.43
CA THR A 201 -7.08 -23.10 -20.03
C THR A 201 -6.83 -21.97 -19.04
N TYR A 202 -6.00 -22.25 -18.04
CA TYR A 202 -5.74 -21.32 -16.95
C TYR A 202 -4.23 -21.11 -16.83
N ILE A 203 -3.77 -19.90 -17.12
CA ILE A 203 -2.36 -19.57 -17.05
C ILE A 203 -2.17 -18.42 -16.07
N CYS A 204 -1.12 -18.50 -15.26
CA CYS A 204 -0.76 -17.45 -14.33
C CYS A 204 0.44 -16.69 -14.89
N ASN A 205 0.36 -15.36 -14.83
CA ASN A 205 1.39 -14.51 -15.40
C ASN A 205 2.18 -13.90 -14.25
N VAL A 206 3.26 -14.56 -13.90
CA VAL A 206 4.15 -14.11 -12.85
C VAL A 206 5.13 -13.12 -13.45
N ASN A 207 5.36 -12.02 -12.73
CA ASN A 207 6.30 -11.00 -13.14
C ASN A 207 7.07 -10.56 -11.91
N HIS A 208 8.38 -10.78 -11.91
CA HIS A 208 9.28 -10.37 -10.84
C HIS A 208 10.39 -9.56 -11.50
N LYS A 209 10.20 -8.25 -11.62
CA LYS A 209 11.13 -7.45 -12.42
C LYS A 209 12.45 -7.17 -11.73
N PRO A 210 12.54 -7.11 -10.37
CA PRO A 210 13.89 -7.02 -9.76
C PRO A 210 14.85 -8.12 -10.18
N SER A 211 14.35 -9.17 -10.82
CA SER A 211 15.17 -10.21 -11.41
C SER A 211 15.02 -10.31 -12.93
N ASN A 212 14.26 -9.41 -13.56
CA ASN A 212 13.94 -9.49 -14.98
C ASN A 212 13.44 -10.90 -15.33
N THR A 213 12.31 -11.26 -14.71
CA THR A 213 11.74 -12.58 -14.86
C THR A 213 10.26 -12.46 -15.20
N LYS A 214 9.86 -13.14 -16.27
CA LYS A 214 8.46 -13.26 -16.66
C LYS A 214 8.23 -14.70 -17.08
N VAL A 215 7.30 -15.37 -16.42
CA VAL A 215 6.96 -16.76 -16.74
C VAL A 215 5.45 -16.91 -16.74
N ASP A 216 4.93 -17.63 -17.73
CA ASP A 216 3.54 -18.06 -17.78
C ASP A 216 3.50 -19.57 -17.56
N LYS A 217 2.71 -20.00 -16.59
CA LYS A 217 2.52 -21.43 -16.31
C LYS A 217 1.03 -21.75 -16.40
N ARG A 218 0.71 -22.76 -17.21
CA ARG A 218 -0.65 -23.25 -17.32
C ARG A 218 -0.90 -24.25 -16.19
N VAL A 219 -2.03 -24.08 -15.49
CA VAL A 219 -2.39 -24.94 -14.38
C VAL A 219 -3.54 -25.83 -14.87
N GLU A 220 -3.19 -27.05 -15.28
CA GLU A 220 -4.11 -28.05 -15.79
C GLU A 220 -4.11 -29.25 -14.84
N PRO A 221 -5.11 -30.13 -14.93
CA PRO A 221 -5.02 -31.36 -14.14
C PRO A 221 -4.06 -32.39 -14.74
N ASP B 1 8.29 20.24 14.86
CA ASP B 1 7.40 19.17 14.42
C ASP B 1 6.07 19.24 15.15
N ILE B 2 5.02 18.75 14.48
CA ILE B 2 3.69 18.64 15.07
C ILE B 2 3.32 17.16 15.08
N GLN B 3 3.14 16.60 16.27
CA GLN B 3 2.74 15.21 16.39
C GLN B 3 1.26 15.07 16.03
N MET B 4 0.94 14.02 15.26
CA MET B 4 -0.41 13.73 14.83
C MET B 4 -0.81 12.36 15.34
N THR B 5 -1.96 12.29 16.03
CA THR B 5 -2.40 11.05 16.66
C THR B 5 -3.84 10.76 16.24
N GLN B 6 -4.03 9.62 15.58
CA GLN B 6 -5.36 9.13 15.27
C GLN B 6 -5.82 8.12 16.32
N SER B 7 -7.13 8.10 16.54
CA SER B 7 -7.78 7.13 17.40
C SER B 7 -9.13 6.76 16.79
N PRO B 8 -9.47 5.47 16.76
CA PRO B 8 -8.63 4.42 17.34
C PRO B 8 -7.56 3.92 16.38
N SER B 9 -6.76 2.95 16.83
CA SER B 9 -5.83 2.30 15.92
C SER B 9 -6.57 1.44 14.89
N SER B 10 -7.57 0.69 15.35
CA SER B 10 -8.32 -0.23 14.51
C SER B 10 -9.79 -0.17 14.92
N LEU B 11 -10.67 -0.52 14.00
CA LEU B 11 -12.09 -0.60 14.34
C LEU B 11 -12.80 -1.51 13.35
N SER B 12 -13.80 -2.23 13.85
CA SER B 12 -14.66 -3.08 13.04
C SER B 12 -16.10 -2.63 13.23
N ALA B 13 -16.85 -2.52 12.13
CA ALA B 13 -18.24 -2.10 12.21
C ALA B 13 -19.05 -2.81 11.14
N SER B 14 -20.35 -2.90 11.38
CA SER B 14 -21.28 -3.54 10.46
C SER B 14 -21.58 -2.61 9.28
N VAL B 15 -21.90 -3.22 8.14
CA VAL B 15 -22.29 -2.42 6.98
C VAL B 15 -23.51 -1.58 7.33
N GLY B 16 -23.44 -0.29 7.01
CA GLY B 16 -24.48 0.64 7.37
C GLY B 16 -24.29 1.31 8.73
N ASP B 17 -23.36 0.82 9.55
CA ASP B 17 -23.00 1.53 10.76
C ASP B 17 -22.33 2.85 10.41
N SER B 18 -22.40 3.80 11.33
CA SER B 18 -21.63 5.03 11.21
C SER B 18 -20.37 4.90 12.06
N VAL B 19 -19.25 5.29 11.49
CA VAL B 19 -17.95 5.19 12.14
C VAL B 19 -17.23 6.53 12.00
N THR B 20 -16.59 6.96 13.09
CA THR B 20 -15.83 8.20 13.09
C THR B 20 -14.38 7.93 13.49
N VAL B 21 -13.45 8.38 12.66
CA VAL B 21 -12.03 8.37 12.96
C VAL B 21 -11.66 9.73 13.54
N THR B 22 -10.92 9.72 14.65
CA THR B 22 -10.45 10.95 15.26
C THR B 22 -8.97 11.15 14.95
N CYS B 23 -8.58 12.41 14.79
CA CYS B 23 -7.17 12.76 14.57
C CYS B 23 -6.87 14.04 15.36
N ARG B 24 -5.90 13.96 16.27
CA ARG B 24 -5.61 15.03 17.20
C ARG B 24 -4.17 15.51 17.01
N ALA B 25 -4.00 16.80 16.81
CA ALA B 25 -2.69 17.42 16.69
C ALA B 25 -2.18 17.86 18.05
N SER B 26 -0.87 18.09 18.12
CA SER B 26 -0.23 18.57 19.34
C SER B 26 -0.28 20.10 19.47
N GLN B 27 -0.64 20.80 18.40
CA GLN B 27 -0.95 22.23 18.46
C GLN B 27 -2.22 22.47 17.66
N GLY B 28 -2.79 23.65 17.83
CA GLY B 28 -3.80 24.10 16.90
C GLY B 28 -3.21 24.23 15.50
N ILE B 29 -3.96 23.75 14.51
CA ILE B 29 -3.42 23.72 13.15
C ILE B 29 -4.38 24.40 12.18
N ASP B 30 -5.40 25.09 12.72
CA ASP B 30 -6.25 25.98 11.95
C ASP B 30 -6.87 25.30 10.74
N LYS B 31 -7.37 24.08 10.95
CA LYS B 31 -8.10 23.29 9.96
C LYS B 31 -7.28 22.93 8.74
N GLU B 32 -5.95 23.07 8.80
CA GLU B 32 -5.07 22.72 7.69
C GLU B 32 -4.83 21.21 7.72
N LEU B 33 -5.88 20.47 7.38
CA LEU B 33 -5.90 19.02 7.58
C LEU B 33 -6.60 18.33 6.43
N SER B 34 -6.00 17.24 5.95
CA SER B 34 -6.51 16.47 4.83
C SER B 34 -6.58 14.99 5.17
N TRP B 35 -7.65 14.34 4.73
CA TRP B 35 -7.89 12.92 4.99
C TRP B 35 -7.65 12.10 3.73
N TYR B 36 -7.02 10.94 3.89
CA TYR B 36 -6.70 10.08 2.77
C TYR B 36 -7.15 8.67 3.04
N GLN B 37 -7.55 7.97 1.98
CA GLN B 37 -7.93 6.57 2.03
C GLN B 37 -6.88 5.74 1.32
N GLN B 38 -6.47 4.64 1.94
CA GLN B 38 -5.49 3.72 1.35
C GLN B 38 -6.01 2.30 1.48
N LYS B 39 -6.63 1.81 0.40
CA LYS B 39 -7.02 0.41 0.34
C LYS B 39 -5.78 -0.46 0.21
N PRO B 40 -5.83 -1.71 0.65
CA PRO B 40 -4.62 -2.54 0.73
C PRO B 40 -3.95 -2.70 -0.62
N GLY B 41 -2.63 -2.52 -0.65
CA GLY B 41 -1.85 -2.65 -1.86
C GLY B 41 -1.88 -1.45 -2.78
N LYS B 42 -2.76 -0.48 -2.54
CA LYS B 42 -2.85 0.71 -3.38
C LYS B 42 -2.19 1.90 -2.72
N ALA B 43 -1.95 2.93 -3.51
CA ALA B 43 -1.52 4.20 -2.96
C ALA B 43 -2.71 4.88 -2.29
N PRO B 44 -2.46 5.77 -1.33
CA PRO B 44 -3.56 6.55 -0.75
C PRO B 44 -4.26 7.37 -1.83
N THR B 45 -5.52 7.70 -1.56
CA THR B 45 -6.26 8.66 -2.37
C THR B 45 -6.90 9.68 -1.46
N LEU B 46 -7.04 10.90 -1.98
CA LEU B 46 -7.56 12.00 -1.20
C LEU B 46 -9.05 11.86 -0.95
N LEU B 47 -9.48 12.23 0.26
CA LEU B 47 -10.90 12.30 0.61
C LEU B 47 -11.35 13.73 0.91
N ILE B 48 -10.63 14.43 1.78
CA ILE B 48 -11.00 15.74 2.30
C ILE B 48 -9.72 16.53 2.47
N TYR B 49 -9.75 17.86 2.21
CA TYR B 49 -8.49 18.58 2.18
C TYR B 49 -8.39 19.85 3.04
N ALA B 50 -9.49 20.46 3.46
CA ALA B 50 -9.42 21.65 4.32
C ALA B 50 -10.27 21.43 5.56
N ALA B 51 -10.03 20.30 6.22
CA ALA B 51 -10.82 19.79 7.34
C ALA B 51 -12.22 19.36 6.90
N SER B 52 -12.89 20.17 6.07
CA SER B 52 -14.30 19.95 5.75
C SER B 52 -14.58 19.66 4.28
N SER B 53 -13.79 20.18 3.37
CA SER B 53 -14.19 20.20 1.95
C SER B 53 -13.93 18.85 1.29
N LEU B 54 -14.99 18.23 0.77
CA LEU B 54 -14.93 16.90 0.19
C LEU B 54 -14.50 16.96 -1.27
N GLN B 55 -13.59 16.08 -1.66
CA GLN B 55 -13.04 16.07 -3.01
C GLN B 55 -14.07 15.54 -4.01
N THR B 56 -14.03 16.09 -5.22
CA THR B 56 -14.97 15.69 -6.27
C THR B 56 -14.77 14.22 -6.63
N GLY B 57 -15.88 13.51 -6.81
CA GLY B 57 -15.85 12.08 -7.06
C GLY B 57 -15.85 11.24 -5.81
N VAL B 58 -15.44 11.80 -4.66
CA VAL B 58 -15.52 11.09 -3.40
C VAL B 58 -16.98 11.03 -2.95
N SER B 59 -17.32 9.94 -2.26
CA SER B 59 -18.71 9.69 -1.91
C SER B 59 -19.19 10.66 -0.83
N SER B 60 -20.44 11.08 -0.96
CA SER B 60 -21.10 11.92 0.03
C SER B 60 -21.07 11.31 1.42
N ARG B 61 -20.80 10.01 1.55
CA ARG B 61 -20.78 9.36 2.84
C ARG B 61 -19.61 9.79 3.71
N PHE B 62 -18.54 10.30 3.10
CA PHE B 62 -17.37 10.75 3.85
C PHE B 62 -17.53 12.23 4.20
N SER B 63 -17.39 12.54 5.49
CA SER B 63 -17.57 13.90 6.00
C SER B 63 -16.39 14.25 6.89
N GLY B 64 -15.94 15.51 6.81
CA GLY B 64 -14.82 15.97 7.59
C GLY B 64 -15.17 17.07 8.57
N SER B 65 -14.76 16.91 9.83
CA SER B 65 -15.11 17.86 10.87
C SER B 65 -13.89 18.16 11.72
N GLY B 66 -13.94 19.28 12.41
CA GLY B 66 -12.97 19.61 13.44
C GLY B 66 -12.45 21.03 13.37
N SER B 67 -11.82 21.46 14.46
CA SER B 67 -11.14 22.75 14.55
C SER B 67 -10.04 22.62 15.59
N GLY B 68 -9.18 23.63 15.63
CA GLY B 68 -8.10 23.66 16.61
C GLY B 68 -7.16 22.47 16.53
N THR B 69 -7.24 21.59 17.52
CA THR B 69 -6.40 20.40 17.58
C THR B 69 -7.12 19.12 17.20
N ASP B 70 -8.44 19.07 17.34
CA ASP B 70 -9.21 17.83 17.27
C ASP B 70 -10.01 17.78 15.98
N TYR B 71 -9.87 16.69 15.25
CA TYR B 71 -10.47 16.54 13.93
C TYR B 71 -10.98 15.13 13.74
N THR B 72 -12.12 15.02 13.06
CA THR B 72 -12.79 13.74 12.88
C THR B 72 -13.07 13.49 11.40
N LEU B 73 -13.02 12.22 11.02
CA LEU B 73 -13.55 11.72 9.76
C LEU B 73 -14.69 10.77 10.07
N THR B 74 -15.86 11.04 9.51
CA THR B 74 -17.06 10.26 9.78
C THR B 74 -17.52 9.57 8.49
N ILE B 75 -17.72 8.27 8.57
CA ILE B 75 -18.26 7.50 7.46
C ILE B 75 -19.73 7.23 7.79
N SER B 76 -20.63 7.93 7.10
CA SER B 76 -22.05 7.92 7.44
C SER B 76 -22.61 6.50 7.47
N SER B 77 -22.48 5.79 6.36
CA SER B 77 -22.99 4.43 6.20
C SER B 77 -21.82 3.59 5.72
N LEU B 78 -21.23 2.82 6.63
CA LEU B 78 -20.05 2.03 6.30
C LEU B 78 -20.38 1.02 5.22
N GLN B 79 -19.78 1.18 4.06
CA GLN B 79 -19.94 0.23 2.97
C GLN B 79 -18.77 -0.73 2.95
N PRO B 80 -18.93 -1.88 2.28
CA PRO B 80 -17.82 -2.84 2.24
C PRO B 80 -16.62 -2.34 1.44
N GLU B 81 -16.81 -1.38 0.55
CA GLU B 81 -15.66 -0.85 -0.21
C GLU B 81 -14.74 -0.01 0.67
N ASP B 82 -15.16 0.36 1.86
CA ASP B 82 -14.41 1.27 2.71
C ASP B 82 -13.31 0.56 3.51
N VAL B 83 -13.17 -0.75 3.37
CA VAL B 83 -12.03 -1.47 3.91
C VAL B 83 -10.75 -0.77 3.46
N ALA B 84 -10.06 -0.15 4.41
CA ALA B 84 -8.85 0.60 4.12
C ALA B 84 -8.24 1.04 5.45
N THR B 85 -7.03 1.58 5.36
CA THR B 85 -6.46 2.38 6.43
C THR B 85 -6.61 3.84 6.04
N TYR B 86 -6.97 4.68 7.00
CA TYR B 86 -7.25 6.08 6.75
C TYR B 86 -6.21 6.95 7.44
N TYR B 87 -5.77 7.98 6.73
CA TYR B 87 -4.65 8.80 7.17
C TYR B 87 -5.06 10.26 7.21
N CYS B 88 -4.76 10.92 8.33
CA CYS B 88 -4.84 12.37 8.39
C CYS B 88 -3.46 12.96 8.14
N LEU B 89 -3.45 14.21 7.69
CA LEU B 89 -2.21 14.91 7.37
C LEU B 89 -2.41 16.38 7.70
N GLN B 90 -1.41 16.97 8.37
CA GLN B 90 -1.43 18.38 8.70
C GLN B 90 -0.46 19.12 7.78
N ASP B 91 -0.91 20.22 7.21
CA ASP B 91 -0.09 21.09 6.39
C ASP B 91 0.04 22.47 7.02
N TYR B 92 -0.16 22.56 8.34
CA TYR B 92 -0.04 23.82 9.03
C TYR B 92 1.40 24.31 9.05
N ALA B 93 2.36 23.38 9.19
CA ALA B 93 3.76 23.75 9.27
C ALA B 93 4.61 22.58 8.81
N THR B 94 5.60 22.86 7.96
CA THR B 94 6.55 21.83 7.58
C THR B 94 7.44 21.46 8.77
N PRO B 95 7.86 20.19 8.88
CA PRO B 95 7.54 19.10 7.96
C PRO B 95 6.12 18.59 8.14
N TYR B 96 5.39 18.46 7.03
CA TYR B 96 4.03 17.96 7.10
C TYR B 96 4.04 16.54 7.63
N SER B 97 3.21 16.29 8.64
CA SER B 97 3.26 15.05 9.40
C SER B 97 1.95 14.30 9.25
N PHE B 98 2.04 13.00 9.00
CA PHE B 98 0.88 12.15 8.83
C PHE B 98 0.47 11.54 10.16
N GLY B 99 -0.82 11.24 10.28
CA GLY B 99 -1.28 10.37 11.32
C GLY B 99 -0.76 8.95 11.12
N GLN B 100 -0.83 8.16 12.17
CA GLN B 100 -0.33 6.79 12.15
C GLN B 100 -1.29 5.82 11.46
N GLY B 101 -2.43 6.29 11.00
CA GLY B 101 -3.37 5.41 10.34
C GLY B 101 -4.44 4.87 11.29
N THR B 102 -5.60 4.58 10.71
CA THR B 102 -6.66 3.87 11.40
C THR B 102 -7.21 2.83 10.43
N LYS B 103 -7.09 1.55 10.78
CA LYS B 103 -7.57 0.49 9.92
C LYS B 103 -9.04 0.21 10.18
N VAL B 104 -9.83 0.22 9.11
CA VAL B 104 -11.27 -0.01 9.18
C VAL B 104 -11.56 -1.35 8.51
N GLU B 105 -12.30 -2.20 9.21
CA GLU B 105 -12.68 -3.50 8.69
C GLU B 105 -14.16 -3.73 8.98
N ILE B 106 -14.76 -4.67 8.25
CA ILE B 106 -16.20 -4.92 8.36
C ILE B 106 -16.43 -6.07 9.33
N LYS B 107 -17.38 -5.89 10.24
CA LYS B 107 -17.95 -6.99 11.01
C LYS B 107 -19.09 -7.57 10.18
N ARG B 108 -18.92 -8.78 9.68
CA ARG B 108 -19.93 -9.45 8.85
C ARG B 108 -20.33 -10.76 9.50
N THR B 109 -21.27 -11.45 8.85
CA THR B 109 -21.76 -12.72 9.36
C THR B 109 -20.69 -13.80 9.20
N VAL B 110 -20.91 -14.91 9.91
CA VAL B 110 -19.95 -16.00 9.90
C VAL B 110 -20.01 -16.73 8.56
N ALA B 111 -18.84 -17.04 8.01
CA ALA B 111 -18.74 -17.72 6.73
C ALA B 111 -17.72 -18.85 6.87
N ALA B 112 -18.15 -20.07 6.57
CA ALA B 112 -17.22 -21.18 6.73
C ALA B 112 -16.24 -21.21 5.56
N PRO B 113 -14.96 -21.47 5.81
CA PRO B 113 -13.99 -21.50 4.72
C PRO B 113 -14.19 -22.73 3.83
N SER B 114 -13.97 -22.54 2.55
CA SER B 114 -13.79 -23.65 1.63
C SER B 114 -12.33 -24.08 1.70
N VAL B 115 -12.11 -25.37 1.96
CA VAL B 115 -10.77 -25.88 2.20
C VAL B 115 -10.34 -26.70 0.99
N PHE B 116 -9.06 -26.57 0.62
CA PHE B 116 -8.49 -27.27 -0.51
C PHE B 116 -7.05 -27.64 -0.17
N ILE B 117 -6.61 -28.79 -0.68
CA ILE B 117 -5.23 -29.26 -0.47
C ILE B 117 -4.60 -29.51 -1.83
N PHE B 118 -3.32 -29.19 -1.95
CA PHE B 118 -2.59 -29.26 -3.21
C PHE B 118 -1.27 -29.99 -3.00
N PRO B 119 -1.04 -31.11 -3.68
CA PRO B 119 0.21 -31.85 -3.49
C PRO B 119 1.39 -31.12 -4.10
N PRO B 120 2.62 -31.54 -3.80
CA PRO B 120 3.77 -30.95 -4.47
C PRO B 120 3.77 -31.26 -5.96
N SER B 121 4.37 -30.37 -6.73
CA SER B 121 4.56 -30.64 -8.16
C SER B 121 5.60 -31.74 -8.35
N ASP B 122 5.46 -32.48 -9.44
CA ASP B 122 6.58 -33.30 -9.90
C ASP B 122 7.68 -32.41 -10.44
N GLU B 123 7.31 -31.29 -11.07
CA GLU B 123 8.28 -30.27 -11.45
C GLU B 123 9.10 -29.82 -10.25
N GLN B 124 8.45 -29.63 -9.10
CA GLN B 124 9.14 -29.15 -7.91
C GLN B 124 9.87 -30.27 -7.19
N LEU B 125 9.30 -31.49 -7.19
CA LEU B 125 9.93 -32.60 -6.48
C LEU B 125 11.31 -32.91 -7.04
N LYS B 126 11.53 -32.67 -8.33
CA LYS B 126 12.86 -32.84 -8.90
C LYS B 126 13.84 -31.78 -8.43
N SER B 127 13.41 -30.82 -7.61
CA SER B 127 14.31 -29.83 -7.05
C SER B 127 14.92 -30.26 -5.72
N GLY B 128 14.43 -31.36 -5.13
CA GLY B 128 14.88 -31.80 -3.83
C GLY B 128 14.02 -31.33 -2.67
N THR B 129 12.97 -30.56 -2.92
CA THR B 129 12.10 -30.02 -1.89
C THR B 129 10.66 -30.07 -2.39
N ALA B 130 9.72 -30.27 -1.46
CA ALA B 130 8.31 -30.38 -1.78
C ALA B 130 7.49 -29.44 -0.91
N SER B 131 6.52 -28.77 -1.53
CA SER B 131 5.60 -27.87 -0.85
C SER B 131 4.18 -28.39 -0.98
N VAL B 132 3.46 -28.44 0.13
CA VAL B 132 2.04 -28.79 0.13
C VAL B 132 1.25 -27.62 0.69
N VAL B 133 0.28 -27.15 -0.09
CA VAL B 133 -0.51 -25.97 0.24
C VAL B 133 -1.92 -26.40 0.60
N CYS B 134 -2.42 -25.89 1.73
CA CYS B 134 -3.78 -26.12 2.19
C CYS B 134 -4.46 -24.75 2.29
N LEU B 135 -5.58 -24.59 1.58
CA LEU B 135 -6.14 -23.28 1.29
C LEU B 135 -7.50 -23.11 1.94
N LEU B 136 -7.64 -22.08 2.77
CA LEU B 136 -8.92 -21.67 3.35
C LEU B 136 -9.42 -20.48 2.55
N ASN B 137 -10.47 -20.68 1.75
CA ASN B 137 -10.78 -19.69 0.72
C ASN B 137 -11.47 -18.43 1.24
N ASN B 138 -12.77 -18.48 1.53
CA ASN B 138 -13.50 -17.23 1.81
C ASN B 138 -14.29 -17.38 3.10
N PHE B 139 -13.69 -16.94 4.22
CA PHE B 139 -14.26 -17.13 5.54
C PHE B 139 -14.22 -15.84 6.34
N TYR B 140 -14.93 -15.86 7.46
CA TYR B 140 -14.96 -14.83 8.48
C TYR B 140 -15.54 -15.48 9.73
N PRO B 141 -15.00 -15.20 10.92
CA PRO B 141 -13.92 -14.27 11.23
C PRO B 141 -12.53 -14.79 10.86
N ARG B 142 -11.52 -13.94 10.96
CA ARG B 142 -10.18 -14.27 10.48
C ARG B 142 -9.52 -15.40 11.28
N GLU B 143 -10.02 -15.69 12.48
CA GLU B 143 -9.38 -16.68 13.33
C GLU B 143 -9.61 -18.07 12.78
N ALA B 144 -8.51 -18.81 12.61
CA ALA B 144 -8.60 -20.20 12.17
C ALA B 144 -7.38 -20.96 12.67
N LYS B 145 -7.57 -22.24 12.93
CA LYS B 145 -6.49 -23.16 13.29
C LYS B 145 -6.37 -24.19 12.18
N VAL B 146 -5.17 -24.29 11.61
CA VAL B 146 -4.90 -25.24 10.53
C VAL B 146 -3.73 -26.12 10.98
N GLN B 147 -4.05 -27.35 11.35
CA GLN B 147 -3.06 -28.32 11.74
C GLN B 147 -2.68 -29.21 10.56
N TRP B 148 -1.41 -29.60 10.51
CA TRP B 148 -0.91 -30.54 9.51
C TRP B 148 -0.69 -31.88 10.18
N LYS B 149 -1.34 -32.91 9.65
CA LYS B 149 -1.14 -34.28 10.09
C LYS B 149 -0.60 -35.09 8.92
N VAL B 150 0.64 -35.55 9.02
CA VAL B 150 1.22 -36.47 8.05
C VAL B 150 1.26 -37.85 8.67
N ASP B 151 0.65 -38.82 8.00
CA ASP B 151 0.41 -40.13 8.60
C ASP B 151 -0.24 -39.97 9.97
N ASN B 152 -1.17 -39.02 10.05
CA ASN B 152 -1.86 -38.66 11.30
C ASN B 152 -0.89 -38.32 12.41
N ALA B 153 0.25 -37.73 12.04
CA ALA B 153 1.21 -37.21 13.01
C ALA B 153 1.19 -35.70 12.90
N LEU B 154 0.63 -35.04 13.92
CA LEU B 154 0.60 -33.58 13.95
C LEU B 154 2.02 -33.02 13.81
N GLN B 155 2.15 -31.99 12.99
CA GLN B 155 3.44 -31.43 12.62
C GLN B 155 3.56 -30.00 13.16
N SER B 156 4.76 -29.63 13.59
CA SER B 156 4.98 -28.34 14.22
C SER B 156 6.38 -27.83 13.87
N GLY B 157 6.47 -26.55 13.54
CA GLY B 157 7.68 -25.95 13.02
C GLY B 157 7.90 -26.14 11.55
N ASN B 158 6.97 -26.80 10.86
CA ASN B 158 7.14 -27.19 9.46
C ASN B 158 6.53 -26.19 8.48
N SER B 159 5.49 -25.46 8.87
CA SER B 159 4.62 -24.75 7.95
C SER B 159 4.69 -23.24 8.17
N GLN B 160 4.08 -22.51 7.23
CA GLN B 160 4.06 -21.06 7.21
C GLN B 160 2.71 -20.59 6.68
N GLU B 161 2.11 -19.61 7.36
CA GLU B 161 0.79 -19.14 7.02
C GLU B 161 0.84 -17.75 6.39
N SER B 162 -0.19 -17.46 5.60
CA SER B 162 -0.37 -16.16 4.97
C SER B 162 -1.87 -15.89 4.84
N VAL B 163 -2.25 -14.63 5.02
CA VAL B 163 -3.65 -14.22 5.05
C VAL B 163 -3.84 -13.03 4.12
N THR B 164 -4.86 -13.09 3.27
CA THR B 164 -5.23 -11.94 2.45
C THR B 164 -5.86 -10.86 3.32
N GLU B 165 -5.90 -9.64 2.80
CA GLU B 165 -6.63 -8.58 3.46
C GLU B 165 -8.12 -8.76 3.22
N GLN B 166 -8.94 -8.09 4.04
CA GLN B 166 -10.38 -8.26 3.94
C GLN B 166 -10.86 -7.88 2.55
N ASP B 167 -11.79 -8.67 2.02
CA ASP B 167 -12.25 -8.52 0.65
C ASP B 167 -13.08 -7.25 0.48
N SER B 168 -13.01 -6.67 -0.71
CA SER B 168 -13.72 -5.42 -0.98
C SER B 168 -15.21 -5.62 -1.08
N LYS B 169 -15.65 -6.81 -1.52
CA LYS B 169 -17.06 -7.11 -1.71
C LYS B 169 -17.56 -8.17 -0.74
N ASP B 170 -16.76 -9.22 -0.50
CA ASP B 170 -17.19 -10.34 0.34
C ASP B 170 -17.15 -9.99 1.82
N SER B 171 -16.20 -9.14 2.22
CA SER B 171 -15.85 -8.93 3.62
C SER B 171 -15.30 -10.20 4.26
N THR B 172 -14.63 -11.03 3.45
CA THR B 172 -14.05 -12.28 3.93
C THR B 172 -12.53 -12.24 3.84
N TYR B 173 -11.92 -13.29 4.39
CA TYR B 173 -10.47 -13.49 4.35
C TYR B 173 -10.16 -14.86 3.73
N SER B 174 -8.99 -14.95 3.10
CA SER B 174 -8.42 -16.19 2.62
C SER B 174 -7.11 -16.46 3.35
N LEU B 175 -6.79 -17.74 3.54
CA LEU B 175 -5.58 -18.09 4.29
C LEU B 175 -4.86 -19.24 3.61
N SER B 176 -3.56 -19.07 3.43
CA SER B 176 -2.67 -20.10 2.92
C SER B 176 -1.84 -20.66 4.06
N SER B 177 -1.61 -21.98 4.02
CA SER B 177 -0.65 -22.63 4.91
C SER B 177 0.08 -23.68 4.10
N THR B 178 1.39 -23.50 3.94
CA THR B 178 2.20 -24.39 3.13
C THR B 178 3.24 -25.08 4.00
N LEU B 179 3.27 -26.41 3.91
CA LEU B 179 4.19 -27.26 4.63
C LEU B 179 5.30 -27.69 3.68
N THR B 180 6.54 -27.44 4.06
CA THR B 180 7.68 -27.66 3.17
C THR B 180 8.61 -28.70 3.78
N LEU B 181 8.89 -29.75 3.00
CA LEU B 181 9.72 -30.86 3.43
C LEU B 181 10.76 -31.17 2.38
N SER B 182 11.76 -31.96 2.76
CA SER B 182 12.65 -32.53 1.78
C SER B 182 11.85 -33.40 0.82
N LYS B 183 12.45 -33.72 -0.33
CA LYS B 183 11.85 -34.77 -1.15
C LYS B 183 12.14 -36.15 -0.59
N ALA B 184 13.12 -36.25 0.31
CA ALA B 184 13.36 -37.49 1.05
C ALA B 184 12.29 -37.70 2.11
N ASP B 185 12.02 -36.66 2.92
CA ASP B 185 10.99 -36.77 3.94
C ASP B 185 9.61 -36.93 3.31
N TYR B 186 9.37 -36.26 2.18
CA TYR B 186 8.05 -36.29 1.58
C TYR B 186 7.67 -37.69 1.12
N GLU B 187 8.60 -38.38 0.46
CA GLU B 187 8.33 -39.73 -0.02
C GLU B 187 8.48 -40.78 1.08
N LYS B 188 8.96 -40.40 2.26
CA LYS B 188 9.06 -41.33 3.38
C LYS B 188 7.76 -41.45 4.16
N HIS B 189 6.66 -40.86 3.65
CA HIS B 189 5.40 -40.85 4.38
C HIS B 189 4.26 -40.96 3.38
N LYS B 190 3.07 -41.30 3.90
CA LYS B 190 1.96 -41.73 3.04
C LYS B 190 0.91 -40.65 2.81
N VAL B 191 0.09 -40.39 3.82
CA VAL B 191 -1.05 -39.49 3.70
C VAL B 191 -0.73 -38.16 4.35
N TYR B 192 -1.10 -37.07 3.69
CA TYR B 192 -0.90 -35.72 4.20
C TYR B 192 -2.26 -35.03 4.23
N ALA B 193 -2.62 -34.51 5.39
CA ALA B 193 -3.90 -33.84 5.58
C ALA B 193 -3.69 -32.54 6.33
N CYS B 194 -4.58 -31.58 6.09
CA CYS B 194 -4.72 -30.41 6.93
C CYS B 194 -6.12 -30.41 7.53
N GLU B 195 -6.18 -30.16 8.83
CA GLU B 195 -7.44 -30.10 9.56
C GLU B 195 -7.73 -28.64 9.91
N VAL B 196 -8.93 -28.18 9.60
CA VAL B 196 -9.28 -26.77 9.70
C VAL B 196 -10.37 -26.59 10.75
N THR B 197 -10.08 -25.82 11.78
CA THR B 197 -11.05 -25.45 12.81
C THR B 197 -11.50 -24.02 12.58
N HIS B 198 -12.82 -23.79 12.71
CA HIS B 198 -13.36 -22.46 12.44
C HIS B 198 -14.75 -22.35 13.05
N GLN B 199 -15.14 -21.11 13.35
CA GLN B 199 -16.43 -20.83 13.96
C GLN B 199 -17.59 -21.22 13.04
N GLY B 200 -17.38 -21.18 11.74
CA GLY B 200 -18.43 -21.54 10.79
C GLY B 200 -18.60 -23.02 10.56
N LEU B 201 -17.66 -23.84 11.02
CA LEU B 201 -17.70 -25.28 10.81
C LEU B 201 -18.21 -25.98 12.07
N SER B 202 -19.13 -26.92 11.89
CA SER B 202 -19.58 -27.73 13.02
C SER B 202 -18.43 -28.48 13.65
N SER B 203 -17.59 -29.10 12.84
CA SER B 203 -16.48 -29.93 13.27
C SER B 203 -15.31 -29.72 12.33
N PRO B 204 -14.09 -29.97 12.78
CA PRO B 204 -12.91 -29.71 11.93
C PRO B 204 -12.98 -30.50 10.63
N VAL B 205 -13.07 -29.77 9.52
CA VAL B 205 -13.03 -30.39 8.20
C VAL B 205 -11.58 -30.67 7.82
N THR B 206 -11.34 -31.86 7.27
CA THR B 206 -10.01 -32.28 6.85
C THR B 206 -10.05 -32.66 5.38
N LYS B 207 -9.04 -32.21 4.63
CA LYS B 207 -8.89 -32.58 3.23
C LYS B 207 -7.45 -33.06 3.01
N SER B 208 -7.31 -34.20 2.36
CA SER B 208 -6.05 -34.95 2.37
C SER B 208 -5.71 -35.42 0.97
N PHE B 209 -4.47 -35.87 0.82
CA PHE B 209 -4.00 -36.50 -0.41
C PHE B 209 -3.14 -37.69 -0.07
N ASN B 210 -3.21 -38.72 -0.90
CA ASN B 210 -2.32 -39.87 -0.81
C ASN B 210 -1.36 -39.80 -1.99
N ARG B 211 -0.08 -40.06 -1.72
CA ARG B 211 0.96 -39.93 -2.74
C ARG B 211 0.64 -40.81 -3.94
N GLY B 212 0.46 -40.18 -5.09
CA GLY B 212 0.18 -40.91 -6.32
C GLY B 212 -1.23 -41.41 -6.44
N GLU B 213 -2.22 -40.62 -5.98
CA GLU B 213 -3.60 -41.05 -5.93
C GLU B 213 -4.30 -41.05 -7.28
N CYS B 214 -3.70 -40.45 -8.30
CA CYS B 214 -4.33 -40.38 -9.61
C CYS B 214 -3.30 -40.15 -10.72
N CYS C 9 6.53 41.48 -12.04
CA CYS C 9 6.48 42.71 -11.26
C CYS C 9 6.99 42.47 -9.84
N VAL C 10 6.80 43.46 -8.95
CA VAL C 10 7.46 43.43 -7.66
C VAL C 10 6.98 42.23 -6.85
N THR C 11 7.94 41.52 -6.26
CA THR C 11 7.72 40.32 -5.46
C THR C 11 7.78 40.67 -3.98
N LEU C 12 6.77 40.25 -3.23
CA LEU C 12 6.73 40.56 -1.81
C LEU C 12 6.97 39.30 -0.98
N GLU C 13 7.29 39.51 0.29
CA GLU C 13 7.63 38.44 1.26
C GLU C 13 7.01 38.83 2.60
N CYS C 14 5.77 38.41 2.82
CA CYS C 14 4.94 38.86 3.94
C CYS C 14 4.78 37.79 5.01
N ARG C 15 4.71 38.25 6.26
CA ARG C 15 4.32 37.44 7.40
C ARG C 15 3.25 38.20 8.19
N GLN C 16 2.63 37.50 9.14
CA GLN C 16 1.59 38.13 9.96
C GLN C 16 2.20 39.20 10.87
N VAL C 17 1.49 40.32 11.04
CA VAL C 17 2.06 41.55 11.59
C VAL C 17 2.08 41.61 13.11
N ASN C 18 1.94 40.48 13.78
CA ASN C 18 1.88 40.42 15.25
C ASN C 18 0.62 41.06 15.81
N GLU C 33 -5.98 40.71 7.58
CA GLU C 33 -6.36 41.92 6.84
C GLU C 33 -5.12 42.64 6.33
N ILE C 34 -4.02 42.50 7.07
CA ILE C 34 -2.79 43.23 6.79
C ILE C 34 -1.61 42.35 7.20
N LYS C 35 -0.55 42.36 6.39
CA LYS C 35 0.64 41.53 6.62
C LYS C 35 1.92 42.33 6.36
N ASN C 36 2.98 41.97 7.08
CA ASN C 36 4.22 42.74 7.15
C ASN C 36 5.22 42.15 6.15
N CYS C 37 5.48 42.89 5.07
CA CYS C 37 6.15 42.37 3.89
C CYS C 37 7.53 42.96 3.70
N SER C 38 8.21 42.43 2.68
CA SER C 38 9.51 42.91 2.24
C SER C 38 9.56 42.90 0.73
N PHE C 39 10.24 43.88 0.15
CA PHE C 39 10.42 43.97 -1.30
C PHE C 39 11.91 44.12 -1.61
N ASN C 40 12.31 43.56 -2.75
CA ASN C 40 13.71 43.57 -3.15
C ASN C 40 13.94 44.57 -4.29
N LYS C 51 16.46 45.92 0.78
CA LYS C 51 16.51 45.45 2.16
C LYS C 51 15.43 46.12 3.01
N VAL C 52 14.43 46.71 2.37
CA VAL C 52 13.39 47.46 3.06
C VAL C 52 12.14 46.61 3.20
N TYR C 53 11.50 46.75 4.35
CA TYR C 53 10.33 45.95 4.72
C TYR C 53 9.12 46.87 4.76
N ALA C 54 8.16 46.63 3.87
CA ALA C 54 6.97 47.47 3.77
C ALA C 54 5.74 46.69 4.19
N LEU C 55 4.82 47.37 4.89
CA LEU C 55 3.59 46.77 5.36
C LEU C 55 2.50 46.91 4.31
N PHE C 56 1.68 45.87 4.15
CA PHE C 56 0.69 45.81 3.08
C PHE C 56 -0.63 45.31 3.62
N TYR C 57 -1.61 45.21 2.72
CA TYR C 57 -2.95 44.73 3.02
C TYR C 57 -3.13 43.35 2.41
N ARG C 58 -3.90 42.50 3.11
CA ARG C 58 -4.15 41.15 2.62
C ARG C 58 -4.74 41.15 1.21
N LEU C 59 -5.51 42.19 0.87
CA LEU C 59 -6.34 42.14 -0.33
C LEU C 59 -5.58 42.57 -1.58
N ASP C 60 -4.62 43.47 -1.45
CA ASP C 60 -3.88 43.98 -2.59
C ASP C 60 -2.63 43.15 -2.92
N ILE C 61 -2.35 42.12 -2.13
CA ILE C 61 -1.30 41.16 -2.43
C ILE C 61 -1.96 39.86 -2.85
N VAL C 62 -1.24 39.05 -3.60
CA VAL C 62 -1.77 37.79 -4.12
C VAL C 62 -0.74 36.68 -3.90
N PRO C 63 -1.11 35.58 -3.24
CA PRO C 63 -0.14 34.52 -2.95
C PRO C 63 0.46 33.91 -4.23
N LEU C 64 1.78 33.81 -4.25
CA LEU C 64 2.49 33.07 -5.28
C LEU C 64 2.75 31.63 -4.87
N GLU C 65 2.92 31.39 -3.57
CA GLU C 65 3.15 30.06 -3.01
C GLU C 65 2.14 29.83 -1.90
N GLU C 66 2.14 28.61 -1.36
CA GLU C 66 1.28 28.31 -0.24
C GLU C 66 1.61 29.21 0.94
N GLU C 67 0.59 29.81 1.54
CA GLU C 67 0.81 30.69 2.66
C GLU C 67 1.17 29.89 3.91
N ARG C 68 2.18 30.36 4.64
CA ARG C 68 2.59 29.78 5.90
C ARG C 68 2.17 30.71 7.03
N LYS C 69 1.62 30.14 8.11
CA LYS C 69 1.06 30.96 9.18
C LYS C 69 2.15 31.69 9.94
N GLY C 70 3.03 30.95 10.61
CA GLY C 70 4.05 31.59 11.44
C GLY C 70 5.08 32.35 10.64
N ASN C 71 5.72 31.68 9.69
CA ASN C 71 6.83 32.26 8.94
C ASN C 71 6.36 33.15 7.80
N SER C 72 7.18 33.28 6.77
CA SER C 72 6.93 34.18 5.66
C SER C 72 6.28 33.44 4.48
N SER C 73 5.66 34.22 3.59
CA SER C 73 5.17 33.72 2.32
C SER C 73 5.46 34.75 1.24
N LYS C 74 5.64 34.27 0.01
CA LYS C 74 5.93 35.14 -1.12
C LYS C 74 4.64 35.44 -1.89
N TYR C 75 4.33 36.73 -2.01
CA TYR C 75 3.14 37.20 -2.71
C TYR C 75 3.57 38.07 -3.88
N ARG C 76 2.57 38.49 -4.66
CA ARG C 76 2.78 39.51 -5.68
C ARG C 76 1.56 40.40 -5.74
N LEU C 77 1.79 41.67 -6.04
CA LEU C 77 0.72 42.66 -6.01
C LEU C 77 -0.40 42.28 -6.97
N ILE C 78 -1.62 42.60 -6.58
CA ILE C 78 -2.76 42.49 -7.49
C ILE C 78 -2.49 43.29 -8.76
N ASN C 79 -1.62 44.31 -8.69
CA ASN C 79 -1.16 45.04 -9.86
C ASN C 79 -0.04 44.23 -10.49
N CYS C 80 -0.23 43.84 -11.76
CA CYS C 80 0.85 43.22 -12.51
C CYS C 80 0.51 43.22 -14.02
S SCN D . -3.37 18.98 -19.66
C SCN D . -4.28 17.95 -20.84
N SCN D . -4.85 17.31 -21.58
C1 EDO E . 3.90 -19.50 0.76
O1 EDO E . 3.11 -20.12 -0.27
C2 EDO E . 2.98 -18.67 1.64
O2 EDO E . 2.36 -17.65 0.85
S SCN F . 2.85 0.82 0.72
C SCN F . 1.76 0.20 -0.58
N SCN F . 1.06 -0.20 -1.39
C1 EDO G . -22.39 5.65 -2.66
O1 EDO G . -21.02 5.57 -2.27
C2 EDO G . -22.96 7.01 -2.27
O2 EDO G . -22.23 8.04 -2.93
C1 EDO H . -8.17 -1.61 19.07
O1 EDO H . -8.36 -1.92 20.46
C2 EDO H . -7.15 -0.50 18.94
O2 EDO H . -7.63 0.66 19.63
S SCN I . -10.45 -7.89 12.83
C SCN I . -11.97 -7.99 11.84
N SCN I . -12.92 -8.05 11.23
C1 EDO J . -2.94 -1.38 3.77
O1 EDO J . -4.27 -0.96 4.09
C2 EDO J . -2.30 -0.34 2.86
O2 EDO J . -1.01 -0.81 2.45
NA NA K . -0.58 25.10 4.69
C1 NAG L . 7.74 44.26 10.44
C2 NAG L . 8.14 43.85 11.86
C3 NAG L . 9.47 44.37 12.24
C4 NAG L . 10.54 43.79 11.39
C5 NAG L . 10.26 43.89 9.89
C6 NAG L . 10.77 42.61 9.31
C7 NAG L . 5.75 44.27 12.91
C8 NAG L . 4.97 44.88 14.08
N2 NAG L . 7.21 44.40 12.91
O3 NAG L . 9.74 43.99 13.62
O4 NAG L . 11.76 44.48 11.66
O5 NAG L . 8.86 44.09 9.44
O6 NAG L . 12.17 42.69 9.22
O7 NAG L . 5.17 43.70 12.05
#